data_2NUD
#
_entry.id   2NUD
#
_cell.length_a   45.884
_cell.length_b   58.166
_cell.length_c   119.767
_cell.angle_alpha   90.00
_cell.angle_beta   89.92
_cell.angle_gamma   90.00
#
_symmetry.space_group_name_H-M   'P 1 21 1'
#
loop_
_entity.id
_entity.type
_entity.pdbx_description
1 polymer 'Avirulence B protein'
2 polymer 'RPM1-interacting protein 4'
3 non-polymer 2-AMINO-2-HYDROXYMETHYL-PROPANE-1,3-DIOL
4 non-polymer TRIFLUOROETHANOL
5 water water
#
loop_
_entity_poly.entity_id
_entity_poly.type
_entity_poly.pdbx_seq_one_letter_code
_entity_poly.pdbx_strand_id
1 'polypeptide(L)'
;GAMGCVSSKSTTVLSPQTSFNEASRTSFRALPGPSQRQLEVYDQCLIGAARWPDDSSKSNTPENRAYCQSMYNSIRSAGD
EISRGGITSFEELWGRATEWRLSKLQRGEPLYSAFASERTSDTDAVTPLVKPYKSVLARVVDHEDAHDEIMQDNLFGDLN
VKVYRQTAYLHGNVIPLNTFRVATDTEYLRDRVAHLRTELGAKALKQHLQRYNPDRIDHTNASYLPIIKDHLNDLYRQAI
SSDLSQAELISLIARTHWWAASAMPDQRGSAAKAEFAARAIASAHGIELPPFRNGNVSDIEAMLSGEEEFVEKYRSLLDS
DCF
;
A,B
2 'polypeptide(L)' PEKVTVVPKFGDWDENNPSSADGYTHIFNKVREER C,D
#
# COMPACT_ATOMS: atom_id res chain seq x y z
N PHE A 28 -32.82 -31.66 -32.82
CA PHE A 28 -32.18 -30.74 -33.80
C PHE A 28 -32.00 -31.45 -35.14
N ARG A 29 -30.88 -31.16 -35.82
CA ARG A 29 -30.59 -31.81 -37.10
C ARG A 29 -29.25 -32.55 -37.07
N ALA A 30 -29.32 -33.87 -37.19
CA ALA A 30 -28.13 -34.72 -37.17
C ALA A 30 -26.99 -34.17 -38.05
N LEU A 31 -25.78 -34.23 -37.52
CA LEU A 31 -24.59 -33.77 -38.23
C LEU A 31 -23.91 -34.99 -38.87
N PRO A 32 -22.95 -34.74 -39.78
CA PRO A 32 -22.23 -35.83 -40.46
C PRO A 32 -21.56 -36.86 -39.56
N GLY A 33 -21.05 -36.40 -38.41
CA GLY A 33 -20.35 -37.29 -37.50
C GLY A 33 -18.91 -37.44 -37.94
N PRO A 34 -18.04 -38.10 -37.16
CA PRO A 34 -16.63 -38.30 -37.51
C PRO A 34 -16.40 -38.86 -38.91
N SER A 35 -15.37 -38.38 -39.59
CA SER A 35 -15.07 -38.83 -40.95
C SER A 35 -14.49 -40.23 -41.03
N GLN A 36 -14.77 -40.92 -42.13
CA GLN A 36 -14.26 -42.27 -42.36
C GLN A 36 -12.75 -42.16 -42.57
N ARG A 37 -12.33 -41.12 -43.27
CA ARG A 37 -10.92 -40.87 -43.56
C ARG A 37 -10.25 -40.34 -42.29
N GLN A 38 -9.58 -41.23 -41.57
CA GLN A 38 -8.92 -40.89 -40.32
C GLN A 38 -7.48 -40.38 -40.41
N LEU A 39 -7.02 -39.79 -39.32
CA LEU A 39 -5.66 -39.28 -39.25
C LEU A 39 -4.74 -40.50 -39.29
N GLU A 40 -3.51 -40.32 -39.76
CA GLU A 40 -2.55 -41.41 -39.77
C GLU A 40 -2.28 -41.72 -38.30
N VAL A 41 -1.99 -42.98 -37.98
CA VAL A 41 -1.73 -43.38 -36.60
C VAL A 41 -0.70 -42.53 -35.84
N TYR A 42 0.37 -42.10 -36.51
CA TYR A 42 1.35 -41.30 -35.80
C TYR A 42 0.79 -39.95 -35.36
N ASP A 43 -0.26 -39.47 -36.04
CA ASP A 43 -0.88 -38.20 -35.65
C ASP A 43 -1.86 -38.48 -34.51
N GLN A 44 -2.62 -39.56 -34.61
CA GLN A 44 -3.57 -39.93 -33.56
C GLN A 44 -2.82 -39.94 -32.21
N CYS A 45 -1.60 -40.44 -32.25
CA CYS A 45 -0.75 -40.55 -31.06
C CYS A 45 -0.18 -39.20 -30.59
N LEU A 46 -0.56 -38.13 -31.25
CA LEU A 46 -0.09 -36.80 -30.88
C LEU A 46 -1.24 -35.90 -30.44
N ILE A 47 -2.45 -36.47 -30.46
CA ILE A 47 -3.64 -35.73 -30.07
C ILE A 47 -3.62 -35.53 -28.57
N GLY A 48 -3.76 -34.28 -28.13
CA GLY A 48 -3.76 -34.00 -26.70
C GLY A 48 -2.39 -33.95 -26.08
N ALA A 49 -1.34 -34.01 -26.90
CA ALA A 49 0.02 -33.97 -26.39
C ALA A 49 0.40 -32.54 -26.00
N ALA A 50 1.41 -32.43 -25.14
CA ALA A 50 1.92 -31.14 -24.68
C ALA A 50 3.35 -31.01 -25.22
N ARG A 51 3.47 -30.64 -26.49
CA ARG A 51 4.79 -30.54 -27.13
C ARG A 51 5.55 -29.24 -26.89
N TRP A 52 6.09 -29.09 -25.68
CA TRP A 52 6.86 -27.91 -25.33
C TRP A 52 8.02 -27.75 -26.30
N PRO A 53 8.21 -26.53 -26.83
CA PRO A 53 9.31 -26.26 -27.76
C PRO A 53 10.67 -26.59 -27.17
N ASP A 54 10.73 -26.74 -25.85
CA ASP A 54 11.98 -27.05 -25.16
C ASP A 54 12.02 -28.50 -24.69
N ASP A 55 11.07 -29.32 -25.15
CA ASP A 55 11.06 -30.71 -24.74
C ASP A 55 10.05 -31.56 -25.53
N LYS A 58 8.70 -36.27 -24.31
CA LYS A 58 7.63 -37.01 -23.59
C LYS A 58 6.56 -37.51 -24.56
N SER A 59 6.35 -36.76 -25.63
CA SER A 59 5.34 -37.12 -26.64
C SER A 59 5.75 -38.35 -27.46
N ASN A 60 6.99 -38.78 -27.31
CA ASN A 60 7.51 -39.93 -28.05
C ASN A 60 7.42 -41.22 -27.22
N THR A 61 7.07 -41.09 -25.95
CA THR A 61 7.00 -42.25 -25.07
C THR A 61 5.79 -43.14 -25.32
N PRO A 62 5.89 -44.44 -24.99
CA PRO A 62 4.80 -45.39 -25.19
C PRO A 62 3.50 -44.97 -24.51
N GLU A 63 3.60 -44.63 -23.22
CA GLU A 63 2.43 -44.22 -22.46
C GLU A 63 1.74 -42.98 -22.99
N ASN A 64 2.50 -42.05 -23.58
CA ASN A 64 1.90 -40.84 -24.13
C ASN A 64 1.26 -41.08 -25.48
N ARG A 65 1.88 -41.93 -26.29
CA ARG A 65 1.32 -42.27 -27.58
C ARG A 65 -0.06 -42.84 -27.27
N ALA A 66 -0.08 -43.88 -26.44
CA ALA A 66 -1.33 -44.54 -26.05
C ALA A 66 -2.36 -43.58 -25.47
N TYR A 67 -1.90 -42.72 -24.57
CA TYR A 67 -2.78 -41.73 -23.95
C TYR A 67 -3.41 -40.83 -25.03
N CYS A 68 -2.59 -40.44 -26.00
CA CYS A 68 -3.04 -39.58 -27.09
C CYS A 68 -3.98 -40.31 -28.06
N GLN A 69 -3.73 -41.59 -28.30
CA GLN A 69 -4.59 -42.35 -29.19
C GLN A 69 -5.91 -42.60 -28.49
N SER A 70 -5.87 -42.68 -27.17
CA SER A 70 -7.07 -42.88 -26.39
C SER A 70 -7.94 -41.62 -26.49
N MET A 71 -7.29 -40.46 -26.41
CA MET A 71 -8.03 -39.21 -26.49
C MET A 71 -8.65 -39.05 -27.85
N TYR A 72 -7.89 -39.35 -28.89
CA TYR A 72 -8.38 -39.26 -30.26
C TYR A 72 -9.63 -40.09 -30.41
N ASN A 73 -9.60 -41.31 -29.86
CA ASN A 73 -10.74 -42.21 -29.95
C ASN A 73 -11.94 -41.76 -29.13
N SER A 74 -11.72 -41.28 -27.90
CA SER A 74 -12.82 -40.81 -27.08
C SER A 74 -13.46 -39.56 -27.66
N ILE A 75 -12.66 -38.76 -28.34
CA ILE A 75 -13.19 -37.56 -28.96
C ILE A 75 -14.16 -37.96 -30.06
N ARG A 76 -13.77 -38.94 -30.87
CA ARG A 76 -14.65 -39.40 -31.95
C ARG A 76 -15.95 -39.99 -31.40
N SER A 77 -15.83 -40.70 -30.28
CA SER A 77 -16.98 -41.33 -29.64
C SER A 77 -17.96 -40.24 -29.20
N ALA A 78 -17.42 -39.20 -28.58
CA ALA A 78 -18.23 -38.08 -28.12
C ALA A 78 -18.80 -37.38 -29.34
N GLY A 79 -17.99 -37.29 -30.40
CA GLY A 79 -18.44 -36.66 -31.62
C GLY A 79 -19.65 -37.38 -32.21
N ASP A 80 -19.64 -38.71 -32.22
CA ASP A 80 -20.75 -39.48 -32.74
C ASP A 80 -22.00 -39.06 -31.99
N GLU A 81 -21.87 -39.03 -30.68
CA GLU A 81 -22.99 -38.68 -29.83
C GLU A 81 -23.49 -37.27 -30.13
N ILE A 82 -22.58 -36.31 -30.20
CA ILE A 82 -22.96 -34.93 -30.50
C ILE A 82 -23.77 -34.87 -31.79
N SER A 83 -23.30 -35.55 -32.83
CA SER A 83 -23.97 -35.56 -34.13
C SER A 83 -25.39 -36.11 -34.07
N ARG A 84 -25.68 -36.95 -33.08
CA ARG A 84 -27.01 -37.54 -32.92
C ARG A 84 -27.89 -36.76 -31.93
N GLY A 85 -27.37 -35.65 -31.41
CA GLY A 85 -28.13 -34.87 -30.45
C GLY A 85 -28.10 -35.51 -29.08
N GLY A 86 -27.07 -36.31 -28.82
CA GLY A 86 -26.95 -37.00 -27.54
C GLY A 86 -26.27 -36.22 -26.45
N ILE A 87 -25.70 -35.07 -26.80
CA ILE A 87 -25.02 -34.20 -25.84
C ILE A 87 -25.53 -32.81 -26.16
N THR A 88 -26.48 -32.35 -25.35
CA THR A 88 -27.14 -31.06 -25.57
C THR A 88 -26.57 -29.84 -24.89
N SER A 89 -25.57 -30.00 -24.02
CA SER A 89 -24.98 -28.85 -23.35
C SER A 89 -23.46 -28.92 -23.34
N PHE A 90 -22.81 -27.77 -23.25
CA PHE A 90 -21.37 -27.75 -23.21
C PHE A 90 -20.96 -28.40 -21.90
N GLU A 91 -21.76 -28.20 -20.87
CA GLU A 91 -21.45 -28.79 -19.57
C GLU A 91 -21.40 -30.31 -19.73
N GLU A 92 -22.37 -30.85 -20.46
CA GLU A 92 -22.44 -32.28 -20.71
C GLU A 92 -21.17 -32.74 -21.43
N LEU A 93 -20.76 -31.99 -22.46
CA LEU A 93 -19.55 -32.35 -23.18
C LEU A 93 -18.32 -32.27 -22.27
N TRP A 94 -18.26 -31.25 -21.43
CA TRP A 94 -17.14 -31.09 -20.52
C TRP A 94 -17.14 -32.27 -19.54
N GLY A 95 -18.34 -32.79 -19.27
CA GLY A 95 -18.46 -33.93 -18.38
C GLY A 95 -17.88 -35.17 -19.01
N ARG A 96 -18.07 -35.33 -20.32
CA ARG A 96 -17.54 -36.48 -21.03
C ARG A 96 -16.01 -36.41 -21.05
N ALA A 97 -15.48 -35.22 -21.31
CA ALA A 97 -14.04 -35.00 -21.35
C ALA A 97 -13.43 -35.36 -20.00
N THR A 98 -14.07 -34.91 -18.92
CA THR A 98 -13.58 -35.18 -17.57
C THR A 98 -13.55 -36.68 -17.28
N GLU A 99 -14.61 -37.38 -17.68
CA GLU A 99 -14.69 -38.83 -17.46
C GLU A 99 -13.53 -39.54 -18.14
N TRP A 100 -13.23 -39.10 -19.35
CA TRP A 100 -12.13 -39.68 -20.11
C TRP A 100 -10.81 -39.47 -19.39
N ARG A 101 -10.52 -38.23 -19.08
CA ARG A 101 -9.27 -37.88 -18.42
C ARG A 101 -9.13 -38.60 -17.08
N LEU A 102 -10.26 -38.78 -16.39
CA LEU A 102 -10.27 -39.45 -15.10
C LEU A 102 -9.95 -40.92 -15.23
N SER A 103 -10.42 -41.54 -16.30
CA SER A 103 -10.16 -42.97 -16.51
C SER A 103 -8.69 -43.19 -16.77
N LYS A 104 -7.97 -42.13 -17.10
CA LYS A 104 -6.54 -42.24 -17.38
C LYS A 104 -5.67 -42.12 -16.12
N LEU A 105 -6.30 -41.94 -14.97
CA LEU A 105 -5.55 -41.81 -13.72
C LEU A 105 -5.24 -43.17 -13.12
N GLU A 109 -4.80 -43.38 -6.93
CA GLU A 109 -4.52 -41.96 -7.31
C GLU A 109 -5.31 -40.98 -6.43
N PRO A 110 -4.61 -40.23 -5.57
CA PRO A 110 -5.22 -39.25 -4.66
C PRO A 110 -5.61 -37.95 -5.35
N LEU A 111 -4.91 -37.64 -6.43
CA LEU A 111 -5.14 -36.43 -7.21
C LEU A 111 -6.44 -36.55 -8.02
N TYR A 112 -7.16 -37.65 -7.80
CA TYR A 112 -8.41 -37.90 -8.50
C TYR A 112 -9.40 -36.75 -8.31
N SER A 113 -9.61 -36.39 -7.05
CA SER A 113 -10.53 -35.33 -6.69
C SER A 113 -10.26 -34.01 -7.42
N ALA A 114 -8.98 -33.68 -7.62
CA ALA A 114 -8.59 -32.44 -8.29
C ALA A 114 -8.97 -32.46 -9.78
N PHE A 115 -8.80 -33.61 -10.42
CA PHE A 115 -9.15 -33.73 -11.84
C PHE A 115 -10.63 -33.85 -12.06
N ALA A 116 -11.38 -34.09 -11.00
CA ALA A 116 -12.82 -34.25 -11.12
C ALA A 116 -13.61 -33.06 -10.61
N SER A 117 -12.94 -32.13 -9.95
CA SER A 117 -13.63 -30.99 -9.39
C SER A 117 -13.45 -29.67 -10.11
N GLU A 118 -14.52 -28.89 -10.12
CA GLU A 118 -14.53 -27.57 -10.71
C GLU A 118 -13.89 -26.65 -9.67
N ARG A 119 -13.44 -25.49 -10.12
CA ARG A 119 -12.81 -24.51 -9.25
C ARG A 119 -13.92 -23.74 -8.52
N THR A 120 -13.85 -23.68 -7.20
CA THR A 120 -14.85 -22.95 -6.42
C THR A 120 -14.40 -21.49 -6.19
N SER A 121 -15.36 -20.58 -6.16
CA SER A 121 -15.05 -19.15 -6.01
C SER A 121 -14.36 -18.75 -4.70
N ASP A 122 -14.21 -19.69 -3.78
CA ASP A 122 -13.58 -19.39 -2.52
C ASP A 122 -12.07 -19.62 -2.63
N THR A 123 -11.60 -19.88 -3.86
CA THR A 123 -10.17 -20.15 -4.09
C THR A 123 -9.49 -19.38 -5.23
N ASP A 124 -8.16 -19.47 -5.26
CA ASP A 124 -7.33 -18.87 -6.30
C ASP A 124 -6.66 -20.05 -6.99
N ALA A 125 -6.20 -19.84 -8.21
CA ALA A 125 -5.54 -20.88 -8.98
C ALA A 125 -4.21 -20.29 -9.41
N VAL A 126 -3.12 -20.97 -9.09
CA VAL A 126 -1.79 -20.48 -9.46
C VAL A 126 -0.89 -21.58 -10.03
N THR A 127 -0.22 -21.27 -11.15
CA THR A 127 0.70 -22.22 -11.76
C THR A 127 2.07 -21.58 -11.80
N PRO A 128 3.03 -22.11 -11.04
CA PRO A 128 4.38 -21.55 -11.02
C PRO A 128 5.06 -21.86 -12.36
N LEU A 129 5.73 -20.86 -12.93
CA LEU A 129 6.40 -21.05 -14.20
C LEU A 129 7.74 -21.77 -14.03
N VAL A 130 7.64 -23.07 -13.74
CA VAL A 130 8.78 -23.95 -13.54
C VAL A 130 8.57 -25.13 -14.50
N LYS A 131 9.60 -25.96 -14.68
CA LYS A 131 9.48 -27.11 -15.57
C LYS A 131 8.11 -27.75 -15.37
N PRO A 132 7.42 -28.10 -16.48
CA PRO A 132 7.87 -27.93 -17.87
C PRO A 132 7.38 -26.65 -18.55
N TYR A 133 7.20 -25.59 -17.79
CA TYR A 133 6.72 -24.32 -18.37
C TYR A 133 7.82 -23.31 -18.66
N LYS A 134 9.08 -23.70 -18.56
CA LYS A 134 10.20 -22.78 -18.79
C LYS A 134 10.12 -21.96 -20.08
N SER A 135 9.64 -22.58 -21.15
CA SER A 135 9.55 -21.89 -22.43
C SER A 135 8.61 -20.68 -22.34
N VAL A 136 7.71 -20.71 -21.36
CA VAL A 136 6.75 -19.64 -21.17
C VAL A 136 7.41 -18.36 -20.71
N LEU A 137 8.43 -18.48 -19.87
CA LEU A 137 9.13 -17.32 -19.33
C LEU A 137 9.49 -16.32 -20.41
N ALA A 138 10.16 -16.80 -21.45
CA ALA A 138 10.57 -15.95 -22.55
C ALA A 138 9.37 -15.40 -23.32
N ARG A 139 8.34 -16.24 -23.49
CA ARG A 139 7.14 -15.82 -24.21
C ARG A 139 6.49 -14.63 -23.53
N VAL A 140 6.61 -14.56 -22.20
CA VAL A 140 6.04 -13.47 -21.44
C VAL A 140 6.93 -12.22 -21.51
N VAL A 141 8.22 -12.43 -21.30
CA VAL A 141 9.17 -11.32 -21.34
C VAL A 141 9.20 -10.57 -22.67
N ASP A 142 9.13 -11.30 -23.77
CA ASP A 142 9.17 -10.68 -25.09
C ASP A 142 7.80 -10.50 -25.74
N HIS A 143 6.73 -10.63 -24.97
CA HIS A 143 5.38 -10.48 -25.52
C HIS A 143 5.10 -9.03 -25.89
N GLU A 144 4.46 -8.81 -27.03
CA GLU A 144 4.15 -7.46 -27.49
C GLU A 144 3.21 -6.71 -26.56
N ASP A 145 2.39 -7.44 -25.81
CA ASP A 145 1.44 -6.81 -24.92
C ASP A 145 1.87 -6.82 -23.46
N ALA A 146 3.11 -7.23 -23.23
CA ALA A 146 3.64 -7.25 -21.88
C ALA A 146 4.01 -5.84 -21.45
N HIS A 147 4.10 -5.64 -20.14
CA HIS A 147 4.51 -4.35 -19.58
C HIS A 147 5.20 -4.58 -18.26
N ASP A 148 5.87 -3.55 -17.76
CA ASP A 148 6.58 -3.65 -16.50
C ASP A 148 5.80 -3.04 -15.35
N GLU A 149 5.61 -3.83 -14.32
CA GLU A 149 4.88 -3.39 -13.14
C GLU A 149 5.78 -3.71 -11.96
N ILE A 150 5.29 -3.40 -10.77
CA ILE A 150 6.02 -3.71 -9.55
C ILE A 150 5.14 -4.68 -8.82
N MET A 151 5.71 -5.83 -8.48
CA MET A 151 4.98 -6.86 -7.77
C MET A 151 5.53 -6.89 -6.36
N GLN A 152 4.72 -6.48 -5.39
CA GLN A 152 5.16 -6.47 -4.01
C GLN A 152 5.02 -7.85 -3.41
N ASP A 153 6.06 -8.26 -2.70
CA ASP A 153 6.09 -9.57 -2.07
C ASP A 153 6.61 -9.36 -0.64
N ASN A 154 5.87 -9.84 0.34
CA ASN A 154 6.25 -9.68 1.75
C ASN A 154 7.49 -10.48 2.15
N LEU A 155 8.18 -11.07 1.18
CA LEU A 155 9.38 -11.84 1.45
C LEU A 155 10.55 -11.38 0.59
N PHE A 156 10.29 -11.16 -0.70
CA PHE A 156 11.31 -10.72 -1.63
C PHE A 156 11.30 -9.19 -1.74
N GLY A 157 10.19 -8.58 -1.33
CA GLY A 157 10.05 -7.13 -1.41
C GLY A 157 9.36 -6.76 -2.71
N ASP A 158 9.49 -5.52 -3.18
CA ASP A 158 8.84 -5.16 -4.43
C ASP A 158 9.74 -5.59 -5.59
N LEU A 159 9.18 -6.39 -6.49
CA LEU A 159 9.92 -6.90 -7.64
C LEU A 159 9.46 -6.34 -8.98
N ASN A 160 10.44 -6.09 -9.84
CA ASN A 160 10.19 -5.59 -11.17
C ASN A 160 9.75 -6.83 -11.95
N VAL A 161 8.66 -6.73 -12.70
CA VAL A 161 8.19 -7.89 -13.45
C VAL A 161 7.63 -7.59 -14.83
N LYS A 162 7.80 -8.55 -15.74
CA LYS A 162 7.24 -8.43 -17.07
C LYS A 162 5.87 -9.06 -16.84
N VAL A 163 4.83 -8.36 -17.25
CA VAL A 163 3.50 -8.85 -17.02
C VAL A 163 2.60 -8.90 -18.24
N TYR A 164 1.97 -10.04 -18.47
CA TYR A 164 1.03 -10.15 -19.57
C TYR A 164 -0.32 -10.33 -18.91
N ARG A 165 -1.26 -9.47 -19.27
CA ARG A 165 -2.59 -9.55 -18.68
C ARG A 165 -3.65 -9.96 -19.70
N GLN A 166 -4.05 -11.23 -19.63
CA GLN A 166 -5.08 -11.68 -20.56
C GLN A 166 -6.43 -11.20 -20.07
N THR A 167 -7.19 -10.60 -20.97
CA THR A 167 -8.52 -10.13 -20.67
C THR A 167 -9.46 -10.62 -21.78
N ALA A 168 -10.75 -10.55 -21.50
CA ALA A 168 -11.77 -10.96 -22.43
C ALA A 168 -12.85 -9.91 -22.39
N TYR A 169 -13.71 -9.91 -23.40
CA TYR A 169 -14.80 -8.96 -23.45
C TYR A 169 -16.05 -9.76 -23.77
N LEU A 170 -17.00 -9.74 -22.83
CA LEU A 170 -18.26 -10.47 -22.96
C LEU A 170 -19.43 -9.58 -22.55
N HIS A 171 -20.35 -9.36 -23.47
CA HIS A 171 -21.52 -8.55 -23.17
C HIS A 171 -21.17 -7.09 -22.89
N GLY A 172 -20.06 -6.63 -23.46
CA GLY A 172 -19.66 -5.24 -23.27
C GLY A 172 -18.79 -4.95 -22.05
N ASN A 173 -18.44 -5.98 -21.28
CA ASN A 173 -17.63 -5.76 -20.10
C ASN A 173 -16.34 -6.55 -20.14
N VAL A 174 -15.26 -5.91 -19.70
CA VAL A 174 -13.98 -6.58 -19.66
C VAL A 174 -14.09 -7.56 -18.51
N ILE A 175 -13.33 -8.63 -18.61
CA ILE A 175 -13.27 -9.62 -17.57
C ILE A 175 -11.83 -10.08 -17.63
N PRO A 176 -11.04 -9.72 -16.61
CA PRO A 176 -9.63 -10.13 -16.62
C PRO A 176 -9.55 -11.66 -16.46
N LEU A 177 -8.63 -12.28 -17.19
CA LEU A 177 -8.47 -13.72 -17.14
C LEU A 177 -7.17 -14.14 -16.44
N ASN A 178 -6.23 -14.67 -17.22
CA ASN A 178 -4.96 -15.11 -16.69
C ASN A 178 -3.91 -14.00 -16.70
N THR A 179 -3.09 -13.95 -15.66
CA THR A 179 -2.03 -12.94 -15.56
C THR A 179 -0.70 -13.63 -15.39
N PHE A 180 0.23 -13.35 -16.30
CA PHE A 180 1.57 -13.93 -16.26
C PHE A 180 2.59 -12.97 -15.64
N ARG A 181 3.44 -13.49 -14.76
CA ARG A 181 4.47 -12.67 -14.12
C ARG A 181 5.85 -13.30 -14.24
N VAL A 182 6.83 -12.51 -14.67
CA VAL A 182 8.21 -12.99 -14.75
C VAL A 182 9.12 -11.90 -14.18
N ALA A 183 9.77 -12.19 -13.07
CA ALA A 183 10.70 -11.24 -12.43
C ALA A 183 11.99 -11.15 -13.22
N THR A 184 12.53 -9.93 -13.32
CA THR A 184 13.76 -9.70 -14.08
C THR A 184 15.01 -9.59 -13.20
N ASP A 185 14.86 -9.11 -11.97
CA ASP A 185 15.99 -8.96 -11.08
C ASP A 185 16.48 -10.33 -10.58
N THR A 186 16.93 -11.16 -11.52
CA THR A 186 17.39 -12.51 -11.21
C THR A 186 18.44 -12.59 -10.09
N GLU A 187 19.58 -11.94 -10.28
CA GLU A 187 20.64 -11.95 -9.28
C GLU A 187 20.09 -11.85 -7.86
N TYR A 188 19.36 -10.78 -7.60
CA TYR A 188 18.79 -10.56 -6.29
C TYR A 188 17.97 -11.75 -5.81
N LEU A 189 17.21 -12.35 -6.74
CA LEU A 189 16.39 -13.49 -6.40
C LEU A 189 17.18 -14.68 -5.83
N ARG A 190 18.08 -15.25 -6.62
CA ARG A 190 18.85 -16.40 -6.18
C ARG A 190 19.50 -16.18 -4.81
N ASP A 191 20.00 -14.98 -4.56
CA ASP A 191 20.63 -14.71 -3.28
C ASP A 191 19.61 -14.62 -2.16
N ARG A 192 18.55 -13.84 -2.40
CA ARG A 192 17.50 -13.69 -1.40
C ARG A 192 16.75 -15.00 -1.11
N VAL A 193 16.54 -15.81 -2.15
CA VAL A 193 15.84 -17.09 -1.96
C VAL A 193 16.65 -17.91 -0.97
N ALA A 194 17.96 -17.76 -1.05
CA ALA A 194 18.87 -18.47 -0.17
C ALA A 194 18.62 -18.13 1.29
N HIS A 195 18.87 -16.88 1.67
CA HIS A 195 18.68 -16.45 3.05
C HIS A 195 17.36 -16.91 3.64
N LEU A 196 16.29 -16.80 2.85
CA LEU A 196 14.97 -17.20 3.31
C LEU A 196 14.88 -18.67 3.66
N ARG A 197 15.48 -19.53 2.83
CA ARG A 197 15.44 -20.98 3.07
C ARG A 197 15.84 -21.28 4.50
N THR A 198 17.00 -20.75 4.90
CA THR A 198 17.52 -20.97 6.22
C THR A 198 16.82 -20.17 7.31
N GLU A 199 16.29 -19.00 6.95
CA GLU A 199 15.60 -18.17 7.93
C GLU A 199 14.22 -18.72 8.30
N LEU A 200 13.42 -19.05 7.30
CA LEU A 200 12.08 -19.58 7.54
C LEU A 200 11.98 -21.10 7.45
N GLY A 201 12.90 -21.70 6.70
CA GLY A 201 12.86 -23.14 6.55
C GLY A 201 12.34 -23.52 5.17
N ALA A 202 12.91 -24.58 4.61
CA ALA A 202 12.48 -25.05 3.28
C ALA A 202 10.97 -25.22 3.20
N LYS A 203 10.41 -25.94 4.17
CA LYS A 203 8.97 -26.20 4.22
C LYS A 203 8.17 -24.92 4.03
N ALA A 204 8.42 -23.94 4.89
CA ALA A 204 7.69 -22.69 4.81
C ALA A 204 7.95 -21.94 3.50
N LEU A 205 9.20 -21.96 3.04
CA LEU A 205 9.55 -21.28 1.79
C LEU A 205 8.77 -21.88 0.62
N LYS A 206 8.75 -23.21 0.55
CA LYS A 206 8.03 -23.91 -0.52
C LYS A 206 6.54 -23.59 -0.47
N GLN A 207 6.00 -23.51 0.75
CA GLN A 207 4.59 -23.19 0.92
C GLN A 207 4.32 -21.82 0.31
N HIS A 208 5.29 -20.92 0.46
CA HIS A 208 5.16 -19.59 -0.08
C HIS A 208 5.40 -19.55 -1.58
N LEU A 209 6.48 -20.17 -2.04
CA LEU A 209 6.80 -20.19 -3.48
C LEU A 209 5.76 -20.92 -4.30
N GLN A 210 5.01 -21.81 -3.65
CA GLN A 210 3.99 -22.55 -4.36
C GLN A 210 2.87 -21.60 -4.80
N ARG A 211 2.58 -20.58 -3.99
CA ARG A 211 1.53 -19.65 -4.37
C ARG A 211 2.06 -18.33 -4.92
N TYR A 212 3.20 -17.89 -4.40
CA TYR A 212 3.76 -16.62 -4.82
C TYR A 212 5.13 -16.68 -5.46
N ASN A 213 5.36 -17.71 -6.27
CA ASN A 213 6.64 -17.89 -6.95
C ASN A 213 6.84 -16.66 -7.84
N PRO A 214 8.03 -16.04 -7.77
CA PRO A 214 8.35 -14.86 -8.57
C PRO A 214 7.90 -14.94 -10.03
N ASP A 215 7.95 -16.13 -10.62
CA ASP A 215 7.51 -16.33 -12.01
C ASP A 215 6.31 -17.26 -11.97
N ARG A 216 5.12 -16.72 -12.20
CA ARG A 216 3.92 -17.55 -12.16
C ARG A 216 2.72 -17.04 -12.94
N ILE A 217 1.70 -17.89 -13.03
CA ILE A 217 0.47 -17.53 -13.71
C ILE A 217 -0.64 -17.46 -12.66
N ASP A 218 -1.31 -16.33 -12.55
CA ASP A 218 -2.42 -16.23 -11.63
C ASP A 218 -3.64 -16.36 -12.54
N HIS A 219 -4.31 -17.49 -12.42
CA HIS A 219 -5.45 -17.80 -13.28
C HIS A 219 -6.75 -17.06 -13.03
N THR A 220 -7.56 -17.06 -14.09
CA THR A 220 -8.88 -16.45 -14.09
C THR A 220 -9.60 -16.72 -12.76
N ASN A 221 -10.18 -15.67 -12.19
CA ASN A 221 -10.90 -15.77 -10.92
C ASN A 221 -12.10 -16.71 -11.08
N ALA A 222 -12.19 -17.71 -10.20
CA ALA A 222 -13.27 -18.69 -10.25
C ALA A 222 -14.65 -18.03 -10.26
N SER A 223 -14.75 -16.83 -9.72
CA SER A 223 -16.02 -16.12 -9.66
C SER A 223 -16.62 -15.83 -11.03
N TYR A 224 -15.80 -15.89 -12.07
CA TYR A 224 -16.29 -15.63 -13.43
C TYR A 224 -16.75 -16.89 -14.13
N LEU A 225 -16.40 -18.05 -13.59
CA LEU A 225 -16.79 -19.31 -14.22
C LEU A 225 -18.28 -19.41 -14.52
N PRO A 226 -19.16 -18.98 -13.60
CA PRO A 226 -20.59 -19.08 -13.90
C PRO A 226 -20.97 -18.37 -15.21
N ILE A 227 -20.62 -17.09 -15.32
CA ILE A 227 -20.93 -16.35 -16.54
C ILE A 227 -20.20 -16.91 -17.77
N ILE A 228 -18.99 -17.42 -17.58
CA ILE A 228 -18.25 -17.97 -18.71
C ILE A 228 -18.80 -19.32 -19.20
N LYS A 229 -19.20 -20.18 -18.27
CA LYS A 229 -19.77 -21.47 -18.63
C LYS A 229 -21.05 -21.26 -19.45
N ASP A 230 -21.82 -20.23 -19.08
CA ASP A 230 -23.06 -19.95 -19.79
C ASP A 230 -22.72 -19.54 -21.21
N HIS A 231 -21.65 -18.78 -21.36
CA HIS A 231 -21.24 -18.34 -22.68
C HIS A 231 -20.76 -19.53 -23.52
N LEU A 232 -20.06 -20.45 -22.88
CA LEU A 232 -19.55 -21.64 -23.55
C LEU A 232 -20.70 -22.49 -24.06
N ASN A 233 -21.83 -22.42 -23.35
CA ASN A 233 -23.02 -23.16 -23.74
C ASN A 233 -23.64 -22.54 -24.99
N ASP A 234 -23.54 -21.22 -25.12
CA ASP A 234 -24.09 -20.55 -26.31
C ASP A 234 -23.22 -20.83 -27.51
N LEU A 235 -21.91 -20.88 -27.30
CA LEU A 235 -21.00 -21.16 -28.38
C LEU A 235 -21.25 -22.60 -28.83
N TYR A 236 -21.37 -23.50 -27.87
CA TYR A 236 -21.62 -24.91 -28.16
C TYR A 236 -22.91 -25.04 -28.98
N ARG A 237 -23.98 -24.46 -28.45
CA ARG A 237 -25.29 -24.47 -29.10
C ARG A 237 -25.18 -24.03 -30.56
N GLN A 238 -24.38 -23.00 -30.82
CA GLN A 238 -24.20 -22.50 -32.18
C GLN A 238 -23.39 -23.47 -33.02
N ALA A 239 -22.35 -24.05 -32.42
CA ALA A 239 -21.50 -24.96 -33.18
C ALA A 239 -22.20 -26.29 -33.47
N ILE A 240 -23.41 -26.44 -32.97
CA ILE A 240 -24.17 -27.67 -33.17
C ILE A 240 -25.18 -27.53 -34.31
N SER A 241 -25.32 -26.31 -34.83
CA SER A 241 -26.24 -26.06 -35.94
C SER A 241 -25.63 -26.70 -37.20
N SER A 242 -26.49 -27.21 -38.08
CA SER A 242 -26.06 -27.89 -39.30
C SER A 242 -25.74 -26.98 -40.49
N ASP A 243 -26.03 -25.70 -40.37
CA ASP A 243 -25.76 -24.77 -41.46
C ASP A 243 -24.75 -23.69 -41.07
N LEU A 244 -23.49 -24.01 -41.33
CA LEU A 244 -22.37 -23.11 -41.05
C LEU A 244 -21.29 -23.46 -42.07
N SER A 245 -20.59 -22.45 -42.55
CA SER A 245 -19.52 -22.68 -43.51
C SER A 245 -18.39 -23.31 -42.70
N GLN A 246 -17.48 -24.01 -43.37
CA GLN A 246 -16.36 -24.64 -42.68
C GLN A 246 -15.59 -23.59 -41.90
N ALA A 247 -15.29 -22.48 -42.56
CA ALA A 247 -14.56 -21.38 -41.95
C ALA A 247 -15.21 -20.93 -40.64
N GLU A 248 -16.53 -20.73 -40.67
CA GLU A 248 -17.25 -20.30 -39.48
C GLU A 248 -17.15 -21.35 -38.39
N LEU A 249 -17.25 -22.60 -38.81
CA LEU A 249 -17.18 -23.73 -37.90
C LEU A 249 -15.82 -23.77 -37.18
N ILE A 250 -14.76 -23.58 -37.93
CA ILE A 250 -13.42 -23.61 -37.37
C ILE A 250 -13.22 -22.46 -36.38
N SER A 251 -13.74 -21.30 -36.72
CA SER A 251 -13.61 -20.13 -35.84
C SER A 251 -14.41 -20.33 -34.56
N LEU A 252 -15.60 -20.91 -34.68
CA LEU A 252 -16.43 -21.17 -33.52
C LEU A 252 -15.69 -22.13 -32.59
N ILE A 253 -15.04 -23.12 -33.19
CA ILE A 253 -14.31 -24.11 -32.43
C ILE A 253 -13.07 -23.51 -31.74
N ALA A 254 -12.38 -22.62 -32.45
CA ALA A 254 -11.21 -21.97 -31.89
C ALA A 254 -11.66 -21.08 -30.72
N ARG A 255 -12.80 -20.41 -30.88
CA ARG A 255 -13.31 -19.55 -29.81
C ARG A 255 -13.63 -20.37 -28.58
N THR A 256 -14.39 -21.43 -28.77
CA THR A 256 -14.76 -22.31 -27.67
C THR A 256 -13.50 -22.80 -26.98
N HIS A 257 -12.52 -23.22 -27.78
CA HIS A 257 -11.27 -23.69 -27.22
C HIS A 257 -10.65 -22.60 -26.34
N TRP A 258 -10.54 -21.39 -26.86
CA TRP A 258 -9.96 -20.23 -26.15
C TRP A 258 -10.64 -19.96 -24.80
N TRP A 259 -11.97 -19.88 -24.82
CA TRP A 259 -12.73 -19.61 -23.60
C TRP A 259 -12.61 -20.71 -22.56
N ALA A 260 -12.77 -21.96 -23.00
CA ALA A 260 -12.68 -23.09 -22.09
C ALA A 260 -11.30 -23.17 -21.43
N ALA A 261 -10.24 -23.07 -22.23
CA ALA A 261 -8.87 -23.13 -21.73
C ALA A 261 -8.46 -21.93 -20.87
N SER A 262 -8.76 -20.72 -21.33
CA SER A 262 -8.40 -19.52 -20.59
C SER A 262 -9.14 -19.46 -19.26
N ALA A 263 -10.36 -19.95 -19.23
CA ALA A 263 -11.16 -19.95 -18.01
C ALA A 263 -10.60 -20.95 -17.00
N MET A 264 -10.05 -22.05 -17.52
CA MET A 264 -9.48 -23.12 -16.71
C MET A 264 -10.51 -23.39 -15.62
N PRO A 265 -11.67 -23.93 -16.01
CA PRO A 265 -12.81 -24.25 -15.13
C PRO A 265 -12.56 -25.24 -13.98
N ASP A 266 -11.71 -26.23 -14.19
CA ASP A 266 -11.47 -27.22 -13.16
C ASP A 266 -10.15 -27.04 -12.45
N GLN A 267 -10.06 -27.63 -11.27
CA GLN A 267 -8.88 -27.53 -10.45
C GLN A 267 -7.71 -28.17 -11.18
N ARG A 268 -8.00 -29.20 -11.95
CA ARG A 268 -6.96 -29.91 -12.67
C ARG A 268 -7.49 -30.46 -14.01
N GLY A 269 -6.59 -30.59 -14.99
CA GLY A 269 -6.96 -31.13 -16.30
C GLY A 269 -7.76 -30.25 -17.25
N SER A 270 -7.85 -28.96 -16.99
CA SER A 270 -8.62 -28.08 -17.86
C SER A 270 -8.15 -28.06 -19.31
N ALA A 271 -6.84 -28.04 -19.52
CA ALA A 271 -6.31 -28.00 -20.87
C ALA A 271 -6.75 -29.23 -21.66
N ALA A 272 -6.57 -30.39 -21.05
CA ALA A 272 -6.95 -31.64 -21.68
C ALA A 272 -8.42 -31.64 -22.04
N LYS A 273 -9.26 -31.17 -21.11
CA LYS A 273 -10.71 -31.13 -21.33
C LYS A 273 -11.11 -30.13 -22.41
N ALA A 274 -10.46 -28.97 -22.42
CA ALA A 274 -10.75 -27.95 -23.41
C ALA A 274 -10.44 -28.46 -24.82
N GLU A 275 -9.31 -29.14 -24.95
CA GLU A 275 -8.92 -29.66 -26.26
C GLU A 275 -9.85 -30.79 -26.69
N PHE A 276 -10.26 -31.62 -25.72
CA PHE A 276 -11.16 -32.72 -25.99
C PHE A 276 -12.47 -32.15 -26.57
N ALA A 277 -13.06 -31.22 -25.84
CA ALA A 277 -14.31 -30.60 -26.25
C ALA A 277 -14.24 -29.94 -27.62
N ALA A 278 -13.13 -29.25 -27.89
CA ALA A 278 -12.98 -28.58 -29.17
C ALA A 278 -12.96 -29.60 -30.30
N ARG A 279 -12.09 -30.59 -30.15
CA ARG A 279 -11.95 -31.63 -31.16
C ARG A 279 -13.23 -32.43 -31.36
N ALA A 280 -13.94 -32.69 -30.27
CA ALA A 280 -15.19 -33.45 -30.35
C ALA A 280 -16.19 -32.70 -31.21
N ILE A 281 -16.35 -31.41 -30.93
CA ILE A 281 -17.27 -30.58 -31.67
C ILE A 281 -16.92 -30.67 -33.15
N ALA A 282 -15.63 -30.59 -33.44
CA ALA A 282 -15.14 -30.67 -34.82
C ALA A 282 -15.45 -32.02 -35.42
N SER A 283 -15.15 -33.08 -34.67
CA SER A 283 -15.38 -34.43 -35.13
C SER A 283 -16.85 -34.70 -35.44
N ALA A 284 -17.74 -34.00 -34.75
CA ALA A 284 -19.17 -34.16 -34.94
C ALA A 284 -19.61 -33.67 -36.32
N HIS A 285 -18.81 -32.79 -36.91
CA HIS A 285 -19.11 -32.23 -38.21
C HIS A 285 -18.35 -32.92 -39.32
N GLY A 286 -17.62 -33.97 -38.97
CA GLY A 286 -16.85 -34.68 -39.99
C GLY A 286 -15.47 -34.08 -40.25
N ILE A 287 -15.07 -33.13 -39.40
CA ILE A 287 -13.76 -32.48 -39.51
C ILE A 287 -12.73 -33.24 -38.68
N GLU A 288 -11.62 -33.63 -39.30
CA GLU A 288 -10.57 -34.34 -38.58
C GLU A 288 -9.41 -33.40 -38.26
N LEU A 289 -9.51 -32.71 -37.13
CA LEU A 289 -8.46 -31.78 -36.73
C LEU A 289 -7.16 -32.53 -36.46
N PRO A 290 -6.04 -32.04 -37.01
CA PRO A 290 -4.75 -32.69 -36.81
C PRO A 290 -4.17 -32.25 -35.48
N PRO A 291 -3.12 -32.94 -35.01
CA PRO A 291 -2.52 -32.56 -33.72
C PRO A 291 -1.89 -31.17 -33.78
N PHE A 292 -1.72 -30.54 -32.62
CA PHE A 292 -1.09 -29.24 -32.59
C PHE A 292 0.37 -29.41 -32.95
N ARG A 293 0.91 -28.45 -33.71
CA ARG A 293 2.31 -28.49 -34.12
C ARG A 293 3.23 -28.65 -32.91
N ASN A 294 4.45 -29.13 -33.16
CA ASN A 294 5.39 -29.29 -32.08
C ASN A 294 5.86 -27.90 -31.68
N GLY A 295 5.87 -27.63 -30.38
CA GLY A 295 6.27 -26.33 -29.88
C GLY A 295 5.04 -25.53 -29.48
N ASN A 296 3.88 -25.96 -29.96
CA ASN A 296 2.61 -25.30 -29.67
C ASN A 296 1.74 -26.05 -28.67
N VAL A 297 1.73 -25.57 -27.43
CA VAL A 297 0.92 -26.15 -26.36
C VAL A 297 -0.36 -25.32 -26.38
N SER A 298 -1.44 -25.89 -26.93
CA SER A 298 -2.71 -25.20 -27.10
C SER A 298 -3.23 -24.33 -25.96
N ASP A 299 -3.29 -24.85 -24.74
CA ASP A 299 -3.80 -24.05 -23.63
C ASP A 299 -2.90 -22.86 -23.30
N ILE A 300 -1.58 -23.04 -23.40
CA ILE A 300 -0.65 -21.95 -23.14
C ILE A 300 -0.75 -20.91 -24.25
N GLU A 301 -0.87 -21.37 -25.49
CA GLU A 301 -0.99 -20.43 -26.60
C GLU A 301 -2.24 -19.59 -26.40
N ALA A 302 -3.29 -20.21 -25.85
CA ALA A 302 -4.53 -19.50 -25.61
C ALA A 302 -4.42 -18.47 -24.49
N MET A 303 -3.80 -18.87 -23.39
CA MET A 303 -3.67 -17.95 -22.26
C MET A 303 -2.80 -16.75 -22.59
N LEU A 304 -1.96 -16.88 -23.61
CA LEU A 304 -1.09 -15.79 -24.03
C LEU A 304 -1.68 -14.85 -25.10
N SER A 305 -2.95 -15.00 -25.44
CA SER A 305 -3.54 -14.12 -26.43
C SER A 305 -4.95 -13.68 -26.13
N GLY A 306 -5.44 -12.71 -26.90
CA GLY A 306 -6.79 -12.20 -26.77
C GLY A 306 -7.65 -13.11 -27.63
N GLU A 307 -8.97 -13.03 -27.50
CA GLU A 307 -9.86 -13.92 -28.25
C GLU A 307 -9.71 -13.95 -29.77
N GLU A 308 -9.93 -12.81 -30.42
CA GLU A 308 -9.84 -12.74 -31.88
C GLU A 308 -8.46 -13.16 -32.36
N GLU A 309 -7.44 -12.68 -31.68
CA GLU A 309 -6.07 -13.01 -32.01
C GLU A 309 -5.89 -14.53 -32.09
N PHE A 310 -6.32 -15.23 -31.05
CA PHE A 310 -6.20 -16.68 -31.00
C PHE A 310 -7.05 -17.37 -32.09
N VAL A 311 -8.22 -16.81 -32.38
CA VAL A 311 -9.10 -17.38 -33.39
C VAL A 311 -8.50 -17.30 -34.80
N GLU A 312 -7.77 -16.23 -35.05
CA GLU A 312 -7.16 -16.00 -36.33
C GLU A 312 -5.93 -16.87 -36.56
N LYS A 313 -5.25 -17.22 -35.49
CA LYS A 313 -4.03 -18.04 -35.58
C LYS A 313 -4.27 -19.54 -35.36
N TYR A 314 -5.43 -19.89 -34.81
CA TYR A 314 -5.76 -21.29 -34.50
C TYR A 314 -5.30 -22.28 -35.56
N ARG A 315 -5.72 -22.04 -36.80
CA ARG A 315 -5.35 -22.89 -37.93
C ARG A 315 -3.86 -23.12 -38.04
N SER A 316 -3.08 -22.07 -37.84
CA SER A 316 -1.64 -22.18 -37.95
C SER A 316 -1.00 -22.95 -36.81
N LEU A 317 -1.71 -23.08 -35.70
CA LEU A 317 -1.16 -23.81 -34.56
C LEU A 317 -1.30 -25.30 -34.81
N LEU A 318 -2.21 -25.64 -35.71
CA LEU A 318 -2.46 -27.03 -36.04
C LEU A 318 -1.56 -27.47 -37.18
N ASP A 319 -1.07 -28.70 -37.09
CA ASP A 319 -0.19 -29.23 -38.13
C ASP A 319 -1.00 -29.82 -39.26
N SER A 320 -1.31 -29.01 -40.27
CA SER A 320 -2.10 -29.47 -41.41
C SER A 320 -1.27 -29.53 -42.70
N ASP A 321 -0.05 -30.05 -42.59
CA ASP A 321 0.83 -30.17 -43.74
C ASP A 321 0.89 -31.62 -44.20
N CYS A 322 0.98 -31.83 -45.51
CA CYS A 322 1.05 -33.19 -46.05
C CYS A 322 2.42 -33.79 -45.78
N PHE A 323 3.46 -33.02 -46.04
CA PHE A 323 4.82 -33.48 -45.82
C PHE A 323 5.31 -33.04 -44.45
N PHE B 28 8.38 2.97 -1.87
CA PHE B 28 8.08 2.08 -0.71
C PHE B 28 6.81 1.28 -0.99
N ARG B 29 5.86 1.31 -0.06
CA ARG B 29 4.59 0.61 -0.23
C ARG B 29 3.42 1.56 0.07
N ALA B 30 2.67 1.92 -0.97
CA ALA B 30 1.52 2.83 -0.85
C ALA B 30 0.63 2.59 0.37
N LEU B 31 0.27 3.68 1.04
CA LEU B 31 -0.59 3.64 2.23
C LEU B 31 -2.04 3.98 1.86
N PRO B 32 -2.99 3.73 2.77
CA PRO B 32 -4.41 4.00 2.56
C PRO B 32 -4.76 5.42 2.05
N GLY B 33 -4.12 6.42 2.65
CA GLY B 33 -4.39 7.80 2.27
C GLY B 33 -5.56 8.33 3.10
N PRO B 34 -5.85 9.63 3.03
CA PRO B 34 -6.97 10.20 3.82
C PRO B 34 -8.27 9.42 3.62
N SER B 35 -9.03 9.26 4.70
CA SER B 35 -10.27 8.51 4.64
C SER B 35 -11.42 9.26 3.98
N GLN B 36 -12.34 8.51 3.41
CA GLN B 36 -13.52 9.06 2.74
C GLN B 36 -14.43 9.71 3.79
N ARG B 37 -14.52 9.07 4.96
CA ARG B 37 -15.34 9.54 6.07
C ARG B 37 -14.59 10.64 6.82
N GLN B 38 -14.99 11.89 6.59
CA GLN B 38 -14.32 13.03 7.20
C GLN B 38 -14.89 13.56 8.52
N LEU B 39 -14.14 14.45 9.14
CA LEU B 39 -14.57 15.08 10.38
C LEU B 39 -15.74 15.99 10.00
N GLU B 40 -16.62 16.23 10.97
CA GLU B 40 -17.76 17.12 10.77
C GLU B 40 -17.15 18.52 10.58
N VAL B 41 -17.75 19.33 9.71
CA VAL B 41 -17.25 20.68 9.46
C VAL B 41 -16.94 21.50 10.72
N TYR B 42 -17.75 21.37 11.76
CA TYR B 42 -17.48 22.13 12.97
C TYR B 42 -16.10 21.78 13.51
N ASP B 43 -15.69 20.52 13.36
CA ASP B 43 -14.38 20.06 13.82
C ASP B 43 -13.26 20.49 12.88
N GLN B 44 -13.50 20.42 11.57
CA GLN B 44 -12.51 20.83 10.59
C GLN B 44 -12.06 22.25 10.93
N CYS B 45 -13.02 23.04 11.40
CA CYS B 45 -12.77 24.43 11.75
C CYS B 45 -12.02 24.61 13.07
N LEU B 46 -11.69 23.49 13.72
CA LEU B 46 -10.98 23.54 14.99
C LEU B 46 -9.59 22.94 14.88
N ILE B 47 -9.23 22.48 13.68
CA ILE B 47 -7.92 21.90 13.45
C ILE B 47 -6.86 23.00 13.51
N GLY B 48 -5.85 22.79 14.35
CA GLY B 48 -4.79 23.77 14.47
C GLY B 48 -5.18 24.97 15.31
N ALA B 49 -6.28 24.85 16.04
CA ALA B 49 -6.76 25.94 16.88
C ALA B 49 -5.91 26.02 18.16
N ALA B 50 -5.98 27.16 18.83
CA ALA B 50 -5.26 27.37 20.09
C ALA B 50 -6.36 27.65 21.12
N ARG B 51 -6.97 26.59 21.64
CA ARG B 51 -8.06 26.72 22.61
C ARG B 51 -7.57 26.90 24.04
N TRP B 52 -7.05 28.08 24.35
CA TRP B 52 -6.57 28.34 25.70
C TRP B 52 -7.71 28.12 26.69
N PRO B 53 -7.46 27.41 27.79
CA PRO B 53 -8.52 27.16 28.78
C PRO B 53 -9.09 28.46 29.37
N ASP B 54 -8.38 29.56 29.18
CA ASP B 54 -8.84 30.83 29.72
C ASP B 54 -9.41 31.74 28.64
N ASP B 55 -9.62 31.21 27.44
CA ASP B 55 -10.17 32.01 26.36
C ASP B 55 -10.71 31.17 25.21
N LYS B 58 -10.69 32.50 20.78
CA LYS B 58 -10.72 33.08 19.41
C LYS B 58 -11.07 32.02 18.37
N SER B 59 -11.10 30.76 18.80
CA SER B 59 -11.40 29.66 17.90
C SER B 59 -12.82 29.69 17.33
N ASN B 60 -13.64 30.60 17.83
CA ASN B 60 -15.02 30.74 17.39
C ASN B 60 -15.17 31.82 16.32
N THR B 61 -14.07 32.48 16.00
CA THR B 61 -14.03 33.56 15.02
C THR B 61 -14.09 33.07 13.58
N PRO B 62 -14.69 33.86 12.67
CA PRO B 62 -14.75 33.42 11.27
C PRO B 62 -13.41 33.23 10.57
N GLU B 63 -12.43 34.09 10.87
CA GLU B 63 -11.12 33.94 10.24
C GLU B 63 -10.37 32.77 10.86
N ASN B 64 -10.66 32.48 12.12
CA ASN B 64 -10.02 31.35 12.80
C ASN B 64 -10.60 30.06 12.26
N ARG B 65 -11.91 30.03 12.05
CA ARG B 65 -12.57 28.86 11.50
C ARG B 65 -11.90 28.55 10.13
N ALA B 66 -11.88 29.57 9.26
CA ALA B 66 -11.31 29.43 7.92
C ALA B 66 -9.83 29.02 7.93
N TYR B 67 -9.08 29.58 8.87
CA TYR B 67 -7.66 29.26 9.00
C TYR B 67 -7.54 27.76 9.29
N CYS B 68 -8.39 27.28 10.20
CA CYS B 68 -8.39 25.89 10.61
C CYS B 68 -8.83 24.93 9.50
N GLN B 69 -9.96 25.22 8.86
CA GLN B 69 -10.43 24.36 7.78
C GLN B 69 -9.38 24.28 6.69
N SER B 70 -8.69 25.40 6.45
CA SER B 70 -7.65 25.44 5.45
C SER B 70 -6.56 24.46 5.87
N MET B 71 -6.17 24.52 7.13
CA MET B 71 -5.15 23.63 7.65
C MET B 71 -5.57 22.18 7.48
N TYR B 72 -6.80 21.87 7.89
CA TYR B 72 -7.35 20.52 7.79
C TYR B 72 -7.20 20.01 6.36
N ASN B 73 -7.51 20.89 5.40
CA ASN B 73 -7.44 20.58 3.98
C ASN B 73 -6.01 20.39 3.47
N SER B 74 -5.10 21.27 3.86
CA SER B 74 -3.72 21.14 3.39
C SER B 74 -3.05 19.92 3.99
N ILE B 75 -3.43 19.59 5.21
CA ILE B 75 -2.90 18.42 5.89
C ILE B 75 -3.32 17.20 5.05
N ARG B 76 -4.58 17.18 4.63
CA ARG B 76 -5.10 16.07 3.84
C ARG B 76 -4.38 15.95 2.49
N SER B 77 -4.15 17.09 1.85
CA SER B 77 -3.45 17.12 0.57
C SER B 77 -2.04 16.54 0.75
N ALA B 78 -1.41 16.88 1.88
CA ALA B 78 -0.07 16.39 2.16
C ALA B 78 -0.11 14.89 2.42
N GLY B 79 -1.12 14.44 3.15
CA GLY B 79 -1.27 13.02 3.43
C GLY B 79 -1.39 12.20 2.17
N ASP B 80 -2.01 12.78 1.13
CA ASP B 80 -2.16 12.11 -0.15
C ASP B 80 -0.77 11.84 -0.71
N GLU B 81 0.06 12.88 -0.73
CA GLU B 81 1.41 12.72 -1.25
C GLU B 81 2.22 11.74 -0.45
N ILE B 82 2.09 11.78 0.87
CA ILE B 82 2.80 10.87 1.74
C ILE B 82 2.42 9.42 1.41
N SER B 83 1.11 9.18 1.27
CA SER B 83 0.63 7.83 0.98
C SER B 83 1.12 7.32 -0.37
N ARG B 84 1.67 8.19 -1.21
CA ARG B 84 2.18 7.81 -2.53
C ARG B 84 3.71 7.80 -2.57
N GLY B 85 4.35 8.15 -1.46
CA GLY B 85 5.80 8.18 -1.45
C GLY B 85 6.33 9.48 -2.04
N GLY B 86 5.46 10.47 -2.14
CA GLY B 86 5.84 11.76 -2.70
C GLY B 86 6.58 12.67 -1.74
N ILE B 87 6.65 12.27 -0.47
CA ILE B 87 7.34 13.04 0.55
C ILE B 87 8.22 12.07 1.31
N THR B 88 9.48 12.04 0.94
CA THR B 88 10.46 11.12 1.48
C THR B 88 11.11 11.44 2.83
N SER B 89 11.07 12.70 3.24
CA SER B 89 11.70 13.05 4.50
C SER B 89 10.81 13.89 5.42
N PHE B 90 11.21 13.96 6.68
CA PHE B 90 10.45 14.74 7.64
C PHE B 90 10.68 16.20 7.25
N GLU B 91 11.90 16.51 6.81
CA GLU B 91 12.22 17.87 6.42
C GLU B 91 11.25 18.32 5.32
N GLU B 92 11.01 17.44 4.35
CA GLU B 92 10.10 17.75 3.25
C GLU B 92 8.70 18.06 3.80
N LEU B 93 8.21 17.23 4.70
CA LEU B 93 6.89 17.45 5.27
C LEU B 93 6.86 18.76 6.06
N TRP B 94 7.96 19.07 6.73
CA TRP B 94 8.01 20.30 7.52
C TRP B 94 8.02 21.51 6.59
N GLY B 95 8.53 21.31 5.38
CA GLY B 95 8.56 22.38 4.40
C GLY B 95 7.17 22.58 3.80
N ARG B 96 6.36 21.53 3.80
CA ARG B 96 5.01 21.63 3.26
C ARG B 96 4.16 22.41 4.26
N ALA B 97 4.30 22.05 5.54
CA ALA B 97 3.56 22.72 6.59
C ALA B 97 3.99 24.20 6.61
N THR B 98 5.27 24.46 6.42
CA THR B 98 5.77 25.83 6.42
C THR B 98 5.18 26.61 5.25
N GLU B 99 5.12 25.97 4.08
CA GLU B 99 4.57 26.61 2.90
C GLU B 99 3.13 27.00 3.16
N TRP B 100 2.40 26.12 3.84
CA TRP B 100 1.02 26.38 4.15
C TRP B 100 0.86 27.55 5.13
N ARG B 101 1.60 27.51 6.22
CA ARG B 101 1.54 28.55 7.23
C ARG B 101 1.93 29.90 6.63
N LEU B 102 2.90 29.88 5.73
CA LEU B 102 3.35 31.11 5.09
C LEU B 102 2.27 31.68 4.18
N SER B 103 1.53 30.80 3.51
CA SER B 103 0.47 31.25 2.61
C SER B 103 -0.64 31.94 3.40
N LYS B 104 -0.81 31.51 4.65
CA LYS B 104 -1.83 32.10 5.50
C LYS B 104 -1.41 33.46 6.06
N LEU B 105 -0.17 33.87 5.77
CA LEU B 105 0.33 35.16 6.26
C LEU B 105 -0.20 36.32 5.41
N GLU B 109 3.10 39.80 6.91
CA GLU B 109 3.99 40.34 5.85
C GLU B 109 5.37 40.75 6.41
N PRO B 110 5.40 41.51 7.52
CA PRO B 110 6.68 41.92 8.09
C PRO B 110 7.38 40.79 8.85
N LEU B 111 6.61 39.77 9.24
CA LEU B 111 7.13 38.63 9.98
C LEU B 111 7.24 37.40 9.08
N TYR B 112 7.21 37.62 7.78
CA TYR B 112 7.30 36.51 6.84
C TYR B 112 8.57 35.70 7.06
N SER B 113 9.68 36.42 7.21
CA SER B 113 10.98 35.79 7.41
C SER B 113 11.10 34.94 8.67
N ALA B 114 10.41 35.32 9.73
CA ALA B 114 10.46 34.59 10.99
C ALA B 114 9.72 33.27 10.88
N PHE B 115 8.60 33.30 10.16
CA PHE B 115 7.78 32.11 9.95
C PHE B 115 8.38 31.18 8.92
N ALA B 116 9.34 31.68 8.16
CA ALA B 116 9.94 30.85 7.13
C ALA B 116 11.32 30.37 7.50
N SER B 117 11.89 30.90 8.58
CA SER B 117 13.23 30.52 8.95
C SER B 117 13.38 29.57 10.12
N GLU B 118 14.41 28.75 10.03
CA GLU B 118 14.75 27.81 11.08
C GLU B 118 15.54 28.61 12.10
N ARG B 119 15.62 28.08 13.30
CA ARG B 119 16.36 28.73 14.38
C ARG B 119 17.83 28.40 14.17
N THR B 120 18.70 29.40 14.20
CA THR B 120 20.12 29.16 14.03
C THR B 120 20.80 29.07 15.40
N SER B 121 21.82 28.21 15.49
CA SER B 121 22.53 27.98 16.75
C SER B 121 23.21 29.21 17.36
N ASP B 122 23.20 30.31 16.63
CA ASP B 122 23.81 31.53 17.10
C ASP B 122 22.81 32.38 17.90
N THR B 123 21.63 31.82 18.18
CA THR B 123 20.60 32.56 18.90
C THR B 123 19.88 31.76 20.00
N ASP B 124 19.12 32.49 20.84
CA ASP B 124 18.32 31.89 21.89
C ASP B 124 16.88 32.19 21.50
N ALA B 125 15.94 31.47 22.11
CA ALA B 125 14.52 31.68 21.82
C ALA B 125 13.81 31.78 23.15
N VAL B 126 13.02 32.83 23.30
CA VAL B 126 12.29 33.09 24.53
C VAL B 126 10.81 33.47 24.30
N THR B 127 9.91 32.87 25.08
CA THR B 127 8.51 33.21 24.98
C THR B 127 8.06 33.71 26.36
N PRO B 128 7.81 35.03 26.48
CA PRO B 128 7.37 35.61 27.76
C PRO B 128 5.99 35.05 28.11
N LEU B 129 5.82 34.60 29.35
CA LEU B 129 4.54 34.05 29.77
C LEU B 129 3.51 35.15 30.04
N VAL B 130 3.11 35.81 28.96
CA VAL B 130 2.14 36.90 28.98
C VAL B 130 0.99 36.46 28.06
N LYS B 131 -0.12 37.19 28.08
CA LYS B 131 -1.26 36.85 27.22
C LYS B 131 -0.72 36.54 25.83
N PRO B 132 -1.22 35.46 25.19
CA PRO B 132 -2.25 34.57 25.73
C PRO B 132 -1.76 33.30 26.46
N TYR B 133 -0.54 33.31 26.99
CA TYR B 133 -0.03 32.13 27.69
C TYR B 133 -0.30 32.15 29.20
N LYS B 134 -1.12 33.09 29.64
CA LYS B 134 -1.42 33.25 31.06
C LYS B 134 -1.79 31.98 31.82
N SER B 135 -2.54 31.09 31.20
CA SER B 135 -2.95 29.86 31.86
C SER B 135 -1.74 28.99 32.18
N VAL B 136 -0.67 29.20 31.42
CA VAL B 136 0.56 28.43 31.60
C VAL B 136 1.20 28.67 32.96
N LEU B 137 1.09 29.90 33.46
CA LEU B 137 1.66 30.24 34.76
C LEU B 137 1.29 29.24 35.84
N ALA B 138 0.00 29.03 36.04
CA ALA B 138 -0.45 28.08 37.06
C ALA B 138 0.05 26.68 36.77
N ARG B 139 0.05 26.29 35.49
CA ARG B 139 0.52 24.96 35.11
C ARG B 139 1.96 24.70 35.56
N VAL B 140 2.79 25.74 35.57
CA VAL B 140 4.17 25.60 36.00
C VAL B 140 4.25 25.52 37.54
N VAL B 141 3.73 26.55 38.19
CA VAL B 141 3.74 26.64 39.63
C VAL B 141 3.21 25.39 40.34
N ASP B 142 2.20 24.76 39.77
CA ASP B 142 1.59 23.58 40.37
C ASP B 142 2.02 22.26 39.73
N HIS B 143 3.01 22.33 38.84
CA HIS B 143 3.51 21.13 38.16
C HIS B 143 4.17 20.17 39.14
N GLU B 144 3.97 18.87 38.93
CA GLU B 144 4.54 17.86 39.81
C GLU B 144 6.04 17.75 39.69
N ASP B 145 6.58 18.07 38.52
CA ASP B 145 8.02 18.01 38.32
C ASP B 145 8.67 19.37 38.42
N ALA B 146 7.95 20.31 39.01
CA ALA B 146 8.47 21.66 39.19
C ALA B 146 9.18 21.76 40.54
N HIS B 147 10.16 22.65 40.62
CA HIS B 147 10.89 22.87 41.86
C HIS B 147 11.28 24.32 41.98
N ASP B 148 11.81 24.69 43.14
CA ASP B 148 12.20 26.06 43.36
C ASP B 148 13.69 26.26 43.17
N GLU B 149 14.02 27.36 42.50
CA GLU B 149 15.39 27.71 42.22
C GLU B 149 15.52 29.22 42.40
N ILE B 150 16.71 29.73 42.18
CA ILE B 150 16.98 31.15 42.29
C ILE B 150 17.41 31.63 40.91
N MET B 151 16.66 32.55 40.35
CA MET B 151 16.96 33.08 39.04
C MET B 151 17.66 34.43 39.18
N GLN B 152 18.88 34.51 38.68
CA GLN B 152 19.67 35.74 38.76
C GLN B 152 19.27 36.72 37.69
N ASP B 153 19.02 37.96 38.09
CA ASP B 153 18.63 39.01 37.16
C ASP B 153 19.33 40.30 37.56
N ASN B 154 20.09 40.87 36.65
CA ASN B 154 20.83 42.11 36.91
C ASN B 154 19.94 43.34 37.06
N LEU B 155 18.62 43.14 37.12
CA LEU B 155 17.70 44.26 37.27
C LEU B 155 16.78 44.08 38.47
N PHE B 156 16.22 42.88 38.62
CA PHE B 156 15.33 42.59 39.75
C PHE B 156 16.14 41.89 40.83
N GLY B 157 17.42 41.64 40.53
CA GLY B 157 18.27 40.95 41.49
C GLY B 157 18.12 39.46 41.35
N ASP B 158 18.07 38.75 42.46
CA ASP B 158 17.90 37.30 42.42
C ASP B 158 16.47 37.00 42.82
N LEU B 159 15.77 36.29 41.94
CA LEU B 159 14.36 35.95 42.15
C LEU B 159 14.05 34.49 42.45
N ASN B 160 13.09 34.29 43.32
CA ASN B 160 12.64 32.96 43.70
C ASN B 160 11.67 32.60 42.56
N VAL B 161 11.79 31.40 42.00
CA VAL B 161 10.92 31.00 40.90
C VAL B 161 10.57 29.51 40.87
N LYS B 162 9.38 29.21 40.36
CA LYS B 162 8.98 27.82 40.22
C LYS B 162 9.55 27.46 38.85
N VAL B 163 10.16 26.28 38.75
CA VAL B 163 10.81 25.90 37.50
C VAL B 163 10.51 24.52 36.96
N TYR B 164 10.08 24.47 35.70
CA TYR B 164 9.85 23.18 35.08
C TYR B 164 10.91 23.01 34.01
N ARG B 165 11.68 21.94 34.11
CA ARG B 165 12.75 21.68 33.16
C ARG B 165 12.42 20.49 32.28
N GLN B 166 12.02 20.77 31.04
CA GLN B 166 11.71 19.69 30.12
C GLN B 166 13.03 19.15 29.59
N THR B 167 13.17 17.83 29.63
CA THR B 167 14.35 17.17 29.10
C THR B 167 13.91 16.02 28.22
N ALA B 168 14.84 15.51 27.44
CA ALA B 168 14.60 14.38 26.56
C ALA B 168 15.80 13.48 26.65
N TYR B 169 15.64 12.25 26.20
CA TYR B 169 16.74 11.31 26.20
C TYR B 169 16.81 10.72 24.81
N LEU B 170 17.99 10.85 24.19
CA LEU B 170 18.20 10.34 22.84
C LEU B 170 19.57 9.69 22.75
N HIS B 171 19.60 8.48 22.23
CA HIS B 171 20.86 7.76 22.06
C HIS B 171 21.57 7.60 23.40
N GLY B 172 20.81 7.61 24.49
CA GLY B 172 21.39 7.43 25.81
C GLY B 172 21.87 8.68 26.52
N ASN B 173 21.68 9.85 25.90
CA ASN B 173 22.12 11.10 26.50
C ASN B 173 20.96 12.03 26.77
N VAL B 174 21.06 12.75 27.88
CA VAL B 174 20.02 13.69 28.24
C VAL B 174 20.18 14.87 27.30
N ILE B 175 19.08 15.50 26.96
CA ILE B 175 19.10 16.67 26.09
C ILE B 175 18.12 17.63 26.73
N PRO B 176 18.60 18.69 27.38
CA PRO B 176 17.64 19.61 27.98
C PRO B 176 16.88 20.32 26.87
N LEU B 177 15.58 20.49 27.05
CA LEU B 177 14.74 21.14 26.07
C LEU B 177 14.28 22.52 26.52
N ASN B 178 12.98 22.64 26.81
CA ASN B 178 12.42 23.91 27.24
C ASN B 178 12.42 24.09 28.76
N THR B 179 12.55 25.33 29.20
CA THR B 179 12.56 25.65 30.62
C THR B 179 11.54 26.73 30.94
N PHE B 180 10.63 26.42 31.85
CA PHE B 180 9.59 27.36 32.25
C PHE B 180 9.93 27.99 33.59
N ARG B 181 9.77 29.31 33.68
CA ARG B 181 10.05 30.04 34.91
C ARG B 181 8.89 30.94 35.34
N VAL B 182 8.45 30.80 36.58
CA VAL B 182 7.39 31.66 37.12
C VAL B 182 7.86 32.20 38.47
N ALA B 183 7.94 33.52 38.60
CA ALA B 183 8.39 34.15 39.84
C ALA B 183 7.21 34.28 40.81
N THR B 184 7.48 34.02 42.09
CA THR B 184 6.44 34.09 43.11
C THR B 184 6.45 35.40 43.92
N ASP B 185 7.60 36.08 43.94
CA ASP B 185 7.72 37.33 44.69
C ASP B 185 7.01 38.44 43.92
N THR B 186 5.72 38.24 43.66
CA THR B 186 4.91 39.19 42.90
C THR B 186 4.92 40.61 43.44
N GLU B 187 4.59 40.74 44.72
CA GLU B 187 4.55 42.03 45.38
C GLU B 187 5.84 42.79 45.03
N TYR B 188 6.98 42.13 45.23
CA TYR B 188 8.27 42.74 44.93
C TYR B 188 8.37 43.19 43.48
N LEU B 189 7.99 42.31 42.56
CA LEU B 189 8.05 42.62 41.13
C LEU B 189 7.30 43.89 40.75
N ARG B 190 6.01 43.93 41.05
CA ARG B 190 5.18 45.09 40.73
C ARG B 190 5.81 46.41 41.17
N ASP B 191 6.41 46.42 42.35
CA ASP B 191 7.03 47.64 42.85
C ASP B 191 8.42 47.89 42.30
N ARG B 192 9.13 46.81 41.96
CA ARG B 192 10.46 46.95 41.40
C ARG B 192 10.38 47.35 39.92
N VAL B 193 9.42 46.75 39.22
CA VAL B 193 9.22 47.03 37.79
C VAL B 193 8.94 48.52 37.62
N ALA B 194 8.23 49.07 38.60
CA ALA B 194 7.88 50.48 38.57
C ALA B 194 9.12 51.36 38.52
N HIS B 195 9.93 51.28 39.59
CA HIS B 195 11.16 52.07 39.68
C HIS B 195 12.02 51.96 38.43
N LEU B 196 12.34 50.73 38.06
CA LEU B 196 13.18 50.49 36.89
C LEU B 196 12.70 51.20 35.63
N ARG B 197 11.40 51.15 35.39
CA ARG B 197 10.81 51.76 34.20
C ARG B 197 11.14 53.26 34.09
N THR B 198 11.06 53.97 35.20
CA THR B 198 11.35 55.40 35.19
C THR B 198 12.84 55.68 35.23
N GLU B 199 13.59 54.81 35.90
CA GLU B 199 15.04 54.96 36.02
C GLU B 199 15.77 54.70 34.70
N LEU B 200 15.43 53.60 34.04
CA LEU B 200 16.08 53.21 32.79
C LEU B 200 15.33 53.61 31.52
N GLY B 201 14.03 53.81 31.63
CA GLY B 201 13.23 54.17 30.47
C GLY B 201 12.42 52.99 29.97
N ALA B 202 11.20 53.27 29.53
CA ALA B 202 10.31 52.22 29.03
C ALA B 202 10.90 51.45 27.85
N LYS B 203 11.58 52.16 26.96
CA LYS B 203 12.16 51.51 25.80
C LYS B 203 13.12 50.41 26.22
N ALA B 204 14.09 50.79 27.05
CA ALA B 204 15.09 49.86 27.54
C ALA B 204 14.52 48.77 28.43
N LEU B 205 13.53 49.12 29.25
CA LEU B 205 12.94 48.13 30.15
C LEU B 205 12.22 47.05 29.32
N LYS B 206 11.57 47.46 28.24
CA LYS B 206 10.88 46.51 27.38
C LYS B 206 11.92 45.65 26.67
N GLN B 207 13.05 46.27 26.34
CA GLN B 207 14.13 45.57 25.67
C GLN B 207 14.68 44.45 26.56
N HIS B 208 14.50 44.62 27.86
CA HIS B 208 14.96 43.64 28.84
C HIS B 208 13.88 42.60 29.12
N LEU B 209 12.66 43.07 29.41
CA LEU B 209 11.55 42.18 29.72
C LEU B 209 11.22 41.27 28.52
N GLN B 210 11.71 41.66 27.36
CA GLN B 210 11.45 40.90 26.14
C GLN B 210 12.25 39.59 26.17
N ARG B 211 13.42 39.61 26.78
CA ARG B 211 14.23 38.41 26.87
C ARG B 211 14.33 37.85 28.27
N TYR B 212 14.19 38.71 29.28
CA TYR B 212 14.32 38.26 30.65
C TYR B 212 13.13 38.51 31.54
N ASN B 213 11.93 38.41 30.96
CA ASN B 213 10.71 38.62 31.73
C ASN B 213 10.67 37.59 32.87
N PRO B 214 10.43 38.05 34.11
CA PRO B 214 10.37 37.18 35.27
C PRO B 214 9.64 35.86 35.01
N ASP B 215 8.62 35.90 34.15
CA ASP B 215 7.86 34.70 33.80
C ASP B 215 8.00 34.46 32.30
N ARG B 216 8.81 33.48 31.93
CA ARG B 216 9.02 33.16 30.53
C ARG B 216 9.38 31.71 30.26
N ILE B 217 9.53 31.39 28.97
CA ILE B 217 9.93 30.06 28.58
C ILE B 217 11.22 30.23 27.80
N ASP B 218 12.28 29.57 28.26
CA ASP B 218 13.55 29.62 27.54
C ASP B 218 13.57 28.31 26.76
N HIS B 219 13.43 28.44 25.45
CA HIS B 219 13.37 27.29 24.58
C HIS B 219 14.64 26.52 24.27
N THR B 220 14.41 25.30 23.81
CA THR B 220 15.45 24.35 23.43
C THR B 220 16.56 25.04 22.66
N ASN B 221 17.80 24.75 23.04
CA ASN B 221 18.96 25.33 22.39
C ASN B 221 19.00 24.92 20.92
N ALA B 222 19.08 25.91 20.04
CA ALA B 222 19.11 25.66 18.60
C ALA B 222 20.23 24.69 18.21
N SER B 223 21.28 24.64 19.01
CA SER B 223 22.39 23.75 18.72
C SER B 223 21.98 22.29 18.67
N TYR B 224 20.86 21.94 19.30
CA TYR B 224 20.41 20.55 19.27
C TYR B 224 19.52 20.23 18.08
N LEU B 225 19.12 21.24 17.31
CA LEU B 225 18.25 21.01 16.17
C LEU B 225 18.75 19.95 15.19
N PRO B 226 20.05 20.00 14.81
CA PRO B 226 20.57 19.00 13.88
C PRO B 226 20.30 17.57 14.32
N ILE B 227 20.73 17.23 15.52
CA ILE B 227 20.54 15.90 16.05
C ILE B 227 19.05 15.55 16.18
N ILE B 228 18.24 16.54 16.56
CA ILE B 228 16.83 16.30 16.71
C ILE B 228 16.18 16.09 15.34
N LYS B 229 16.54 16.91 14.37
CA LYS B 229 15.99 16.79 13.02
C LYS B 229 16.30 15.40 12.46
N ASP B 230 17.47 14.86 12.78
CA ASP B 230 17.83 13.54 12.28
C ASP B 230 16.90 12.52 12.89
N HIS B 231 16.67 12.65 14.18
CA HIS B 231 15.79 11.71 14.87
C HIS B 231 14.35 11.77 14.37
N LEU B 232 13.89 12.96 14.02
CA LEU B 232 12.53 13.16 13.51
C LEU B 232 12.41 12.46 12.17
N ASN B 233 13.51 12.41 11.43
CA ASN B 233 13.51 11.74 10.15
C ASN B 233 13.36 10.25 10.33
N ASP B 234 13.93 9.72 11.41
CA ASP B 234 13.81 8.30 11.68
C ASP B 234 12.41 7.95 12.13
N LEU B 235 11.81 8.82 12.92
CA LEU B 235 10.45 8.57 13.36
C LEU B 235 9.56 8.62 12.14
N TYR B 236 9.79 9.61 11.29
CA TYR B 236 9.02 9.78 10.06
C TYR B 236 9.08 8.52 9.20
N ARG B 237 10.30 8.10 8.88
CA ARG B 237 10.51 6.90 8.08
C ARG B 237 9.79 5.69 8.67
N GLN B 238 9.84 5.54 9.98
CA GLN B 238 9.16 4.43 10.65
C GLN B 238 7.66 4.57 10.52
N ALA B 239 7.18 5.81 10.64
CA ALA B 239 5.76 6.09 10.57
C ALA B 239 5.13 5.85 9.19
N ILE B 240 5.93 5.92 8.13
CA ILE B 240 5.35 5.70 6.82
C ILE B 240 5.44 4.24 6.39
N SER B 241 5.45 3.35 7.39
CA SER B 241 5.48 1.91 7.14
C SER B 241 4.04 1.40 7.19
N SER B 242 3.77 0.29 6.50
CA SER B 242 2.41 -0.27 6.47
C SER B 242 2.23 -1.44 7.44
N ASP B 243 3.34 -1.90 8.02
CA ASP B 243 3.31 -3.00 8.99
C ASP B 243 3.30 -2.41 10.39
N LEU B 244 2.22 -1.70 10.71
CA LEU B 244 2.08 -1.08 12.02
C LEU B 244 0.64 -1.16 12.50
N SER B 245 0.46 -1.57 13.75
CA SER B 245 -0.87 -1.65 14.34
C SER B 245 -1.28 -0.19 14.55
N GLN B 246 -2.57 0.08 14.58
CA GLN B 246 -3.01 1.45 14.76
C GLN B 246 -2.47 2.01 16.06
N ALA B 247 -2.34 1.14 17.07
CA ALA B 247 -1.82 1.54 18.36
C ALA B 247 -0.40 2.12 18.22
N GLU B 248 0.48 1.35 17.59
CA GLU B 248 1.86 1.77 17.37
C GLU B 248 1.88 3.09 16.60
N LEU B 249 1.04 3.16 15.57
CA LEU B 249 0.95 4.32 14.71
C LEU B 249 0.65 5.61 15.49
N ILE B 250 -0.42 5.58 16.28
CA ILE B 250 -0.80 6.73 17.09
C ILE B 250 0.32 7.14 18.01
N SER B 251 0.99 6.15 18.59
CA SER B 251 2.08 6.43 19.50
C SER B 251 3.22 7.13 18.77
N LEU B 252 3.55 6.65 17.58
CA LEU B 252 4.62 7.25 16.80
C LEU B 252 4.28 8.70 16.49
N ILE B 253 3.06 8.93 16.01
CA ILE B 253 2.60 10.27 15.68
C ILE B 253 2.67 11.19 16.91
N ALA B 254 2.34 10.66 18.08
CA ALA B 254 2.41 11.43 19.31
C ALA B 254 3.88 11.80 19.62
N ARG B 255 4.79 10.87 19.35
CA ARG B 255 6.21 11.11 19.59
C ARG B 255 6.74 12.17 18.66
N THR B 256 6.47 11.98 17.36
CA THR B 256 6.91 12.92 16.36
C THR B 256 6.41 14.29 16.75
N HIS B 257 5.15 14.35 17.12
CA HIS B 257 4.55 15.60 17.54
C HIS B 257 5.38 16.20 18.69
N TRP B 258 5.54 15.43 19.77
CA TRP B 258 6.29 15.88 20.95
C TRP B 258 7.67 16.44 20.60
N TRP B 259 8.45 15.67 19.84
CA TRP B 259 9.79 16.09 19.44
C TRP B 259 9.80 17.34 18.58
N ALA B 260 8.92 17.39 17.59
CA ALA B 260 8.87 18.53 16.70
C ALA B 260 8.49 19.80 17.46
N ALA B 261 7.42 19.72 18.25
CA ALA B 261 6.97 20.88 19.02
C ALA B 261 7.94 21.32 20.11
N SER B 262 8.49 20.36 20.85
CA SER B 262 9.42 20.67 21.93
C SER B 262 10.71 21.27 21.41
N ALA B 263 11.14 20.79 20.25
CA ALA B 263 12.37 21.31 19.62
C ALA B 263 12.18 22.74 19.15
N MET B 264 10.97 23.04 18.68
CA MET B 264 10.64 24.37 18.14
C MET B 264 11.76 24.71 17.17
N PRO B 265 11.79 24.05 15.99
CA PRO B 265 12.79 24.25 14.94
C PRO B 265 12.84 25.64 14.30
N ASP B 266 11.67 26.24 14.10
CA ASP B 266 11.62 27.53 13.46
C ASP B 266 11.46 28.71 14.40
N GLN B 267 11.85 29.87 13.89
CA GLN B 267 11.78 31.11 14.65
C GLN B 267 10.34 31.41 14.98
N ARG B 268 9.44 30.99 14.10
CA ARG B 268 8.03 31.27 14.30
C ARG B 268 7.15 30.18 13.66
N GLY B 269 5.99 29.91 14.26
CA GLY B 269 5.07 28.92 13.71
C GLY B 269 5.39 27.45 13.94
N SER B 270 6.33 27.16 14.83
CA SER B 270 6.70 25.78 15.07
C SER B 270 5.52 24.93 15.56
N ALA B 271 4.69 25.48 16.42
CA ALA B 271 3.55 24.72 16.94
C ALA B 271 2.66 24.30 15.77
N ALA B 272 2.33 25.27 14.92
CA ALA B 272 1.48 25.02 13.79
C ALA B 272 2.05 23.94 12.87
N LYS B 273 3.35 24.02 12.57
CA LYS B 273 3.98 23.03 11.68
C LYS B 273 4.02 21.61 12.26
N ALA B 274 4.29 21.51 13.56
CA ALA B 274 4.35 20.20 14.22
C ALA B 274 2.99 19.52 14.19
N GLU B 275 1.93 20.28 14.41
CA GLU B 275 0.59 19.70 14.40
C GLU B 275 0.27 19.26 12.97
N PHE B 276 0.60 20.11 12.01
CA PHE B 276 0.38 19.83 10.59
C PHE B 276 1.05 18.51 10.22
N ALA B 277 2.33 18.40 10.57
CA ALA B 277 3.10 17.20 10.24
C ALA B 277 2.51 15.97 10.90
N ALA B 278 2.11 16.09 12.16
CA ALA B 278 1.56 14.97 12.89
C ALA B 278 0.27 14.50 12.22
N ARG B 279 -0.62 15.44 11.97
CA ARG B 279 -1.89 15.10 11.35
C ARG B 279 -1.71 14.58 9.94
N ALA B 280 -0.78 15.15 9.20
CA ALA B 280 -0.52 14.71 7.84
C ALA B 280 -0.14 13.21 7.84
N ILE B 281 0.77 12.86 8.73
CA ILE B 281 1.22 11.48 8.82
C ILE B 281 0.04 10.57 9.12
N ALA B 282 -0.81 11.02 10.05
CA ALA B 282 -1.99 10.25 10.43
C ALA B 282 -2.90 10.07 9.23
N SER B 283 -3.16 11.16 8.52
CA SER B 283 -4.03 11.15 7.35
C SER B 283 -3.53 10.20 6.27
N ALA B 284 -2.22 10.07 6.14
CA ALA B 284 -1.66 9.18 5.13
C ALA B 284 -2.05 7.74 5.38
N HIS B 285 -2.40 7.45 6.62
CA HIS B 285 -2.79 6.09 6.99
C HIS B 285 -4.29 5.93 7.04
N GLY B 286 -5.01 6.97 6.65
CA GLY B 286 -6.46 6.90 6.67
C GLY B 286 -7.05 7.21 8.04
N ILE B 287 -6.22 7.70 8.97
CA ILE B 287 -6.71 8.04 10.30
C ILE B 287 -7.17 9.50 10.29
N GLU B 288 -8.36 9.74 10.81
CA GLU B 288 -8.91 11.09 10.84
C GLU B 288 -8.85 11.63 12.28
N LEU B 289 -7.71 12.22 12.63
CA LEU B 289 -7.51 12.76 13.97
C LEU B 289 -8.42 13.95 14.23
N PRO B 290 -9.20 13.90 15.33
CA PRO B 290 -10.11 15.00 15.66
C PRO B 290 -9.29 16.14 16.25
N PRO B 291 -9.91 17.31 16.46
CA PRO B 291 -9.18 18.45 17.03
C PRO B 291 -8.80 18.27 18.49
N PHE B 292 -7.86 19.09 18.96
CA PHE B 292 -7.47 19.04 20.36
C PHE B 292 -8.60 19.62 21.18
N ARG B 293 -8.92 18.94 22.29
CA ARG B 293 -9.99 19.38 23.17
C ARG B 293 -9.82 20.84 23.58
N ASN B 294 -10.89 21.45 24.04
CA ASN B 294 -10.84 22.83 24.47
C ASN B 294 -10.00 22.91 25.73
N GLY B 295 -9.08 23.87 25.78
CA GLY B 295 -8.23 24.04 26.94
C GLY B 295 -6.89 23.32 26.78
N ASN B 296 -6.72 22.62 25.66
CA ASN B 296 -5.50 21.88 25.39
C ASN B 296 -4.73 22.39 24.18
N VAL B 297 -3.76 23.27 24.42
CA VAL B 297 -2.92 23.80 23.36
C VAL B 297 -1.81 22.76 23.22
N SER B 298 -1.86 21.98 22.14
CA SER B 298 -0.91 20.90 21.90
C SER B 298 0.58 21.17 22.11
N ASP B 299 1.10 22.28 21.57
CA ASP B 299 2.53 22.52 21.76
C ASP B 299 2.85 22.78 23.23
N ILE B 300 1.99 23.51 23.91
CA ILE B 300 2.21 23.79 25.33
C ILE B 300 2.11 22.50 26.13
N GLU B 301 1.15 21.64 25.81
CA GLU B 301 1.02 20.38 26.53
C GLU B 301 2.29 19.56 26.36
N ALA B 302 2.85 19.61 25.15
CA ALA B 302 4.07 18.87 24.86
C ALA B 302 5.27 19.40 25.65
N MET B 303 5.45 20.71 25.64
CA MET B 303 6.58 21.31 26.35
C MET B 303 6.50 21.12 27.86
N LEU B 304 5.31 20.87 28.38
CA LEU B 304 5.13 20.67 29.80
C LEU B 304 5.27 19.20 30.26
N SER B 305 5.77 18.32 29.40
CA SER B 305 5.90 16.93 29.80
C SER B 305 7.06 16.20 29.16
N GLY B 306 7.36 15.01 29.69
CA GLY B 306 8.42 14.18 29.15
C GLY B 306 7.81 13.41 28.00
N GLU B 307 8.66 12.80 27.16
CA GLU B 307 8.21 12.05 26.00
C GLU B 307 7.17 10.97 26.21
N GLU B 308 7.51 9.93 26.96
CA GLU B 308 6.58 8.84 27.20
C GLU B 308 5.30 9.37 27.85
N GLU B 309 5.45 10.30 28.78
CA GLU B 309 4.29 10.90 29.45
C GLU B 309 3.31 11.45 28.41
N PHE B 310 3.82 12.24 27.48
CA PHE B 310 3.02 12.86 26.43
C PHE B 310 2.39 11.82 25.48
N VAL B 311 3.14 10.77 25.17
CA VAL B 311 2.65 9.72 24.28
C VAL B 311 1.45 9.00 24.89
N GLU B 312 1.52 8.76 26.19
CA GLU B 312 0.47 8.09 26.93
C GLU B 312 -0.81 8.90 27.00
N LYS B 313 -0.66 10.22 27.09
CA LYS B 313 -1.81 11.10 27.23
C LYS B 313 -2.32 11.66 25.91
N TYR B 314 -1.56 11.48 24.84
CA TYR B 314 -1.90 12.03 23.54
C TYR B 314 -3.37 11.85 23.14
N ARG B 315 -3.85 10.62 23.19
CA ARG B 315 -5.24 10.31 22.82
C ARG B 315 -6.22 11.12 23.64
N SER B 316 -5.96 11.25 24.94
CA SER B 316 -6.85 11.99 25.81
C SER B 316 -6.90 13.47 25.53
N LEU B 317 -5.88 14.01 24.86
CA LEU B 317 -5.83 15.43 24.54
C LEU B 317 -6.72 15.72 23.34
N LEU B 318 -6.97 14.67 22.57
CA LEU B 318 -7.79 14.77 21.39
C LEU B 318 -9.26 14.60 21.74
N ASP B 319 -10.12 15.39 21.10
CA ASP B 319 -11.55 15.28 21.37
C ASP B 319 -12.17 14.21 20.48
N SER B 320 -12.06 12.96 20.90
CA SER B 320 -12.61 11.84 20.13
C SER B 320 -13.94 11.34 20.68
N ASP B 321 -14.74 12.25 21.23
CA ASP B 321 -16.05 11.89 21.76
C ASP B 321 -17.10 12.07 20.68
N CYS B 322 -18.30 11.56 20.96
CA CYS B 322 -19.40 11.69 20.03
C CYS B 322 -20.29 12.83 20.50
N PHE B 323 -20.91 12.64 21.67
CA PHE B 323 -21.77 13.65 22.24
C PHE B 323 -20.93 14.81 22.76
N LYS C 9 18.81 -16.19 -18.14
CA LYS C 9 18.37 -16.72 -16.82
C LYS C 9 17.19 -15.95 -16.25
N PHE C 10 15.98 -16.40 -16.59
CA PHE C 10 14.77 -15.75 -16.10
C PHE C 10 14.09 -16.56 -15.01
N GLY C 11 14.46 -17.84 -14.91
CA GLY C 11 13.86 -18.69 -13.90
C GLY C 11 14.90 -19.59 -13.22
N ASP C 12 16.17 -19.30 -13.48
CA ASP C 12 17.25 -20.09 -12.92
C ASP C 12 17.72 -19.52 -11.59
N TRP C 13 17.00 -18.53 -11.08
CA TRP C 13 17.35 -17.91 -9.81
C TRP C 13 17.19 -18.89 -8.65
N ASP C 14 16.31 -19.88 -8.79
CA ASP C 14 16.13 -20.86 -7.72
C ASP C 14 16.89 -22.14 -8.08
N GLU C 15 18.19 -21.97 -8.26
CA GLU C 15 19.08 -23.08 -8.59
C GLU C 15 19.23 -23.99 -7.38
N ASN C 16 19.00 -25.29 -7.58
CA ASN C 16 19.12 -26.26 -6.50
C ASN C 16 18.37 -25.79 -5.25
N ASN C 17 17.15 -25.31 -5.45
CA ASN C 17 16.35 -24.86 -4.31
C ASN C 17 15.52 -26.04 -3.81
N PRO C 18 15.76 -26.49 -2.57
CA PRO C 18 15.03 -27.60 -1.99
C PRO C 18 13.55 -27.30 -1.82
N SER C 19 13.20 -26.02 -1.84
CA SER C 19 11.83 -25.60 -1.68
C SER C 19 11.15 -25.14 -2.98
N SER C 20 11.81 -25.36 -4.11
CA SER C 20 11.23 -24.97 -5.41
C SER C 20 9.76 -25.35 -5.46
N ALA C 21 8.99 -24.60 -6.23
CA ALA C 21 7.57 -24.87 -6.37
C ALA C 21 7.38 -26.02 -7.37
N ASP C 22 6.33 -26.82 -7.19
CA ASP C 22 6.08 -27.93 -8.10
C ASP C 22 5.41 -27.41 -9.38
N GLY C 23 5.83 -27.95 -10.51
CA GLY C 23 5.30 -27.52 -11.80
C GLY C 23 3.89 -27.89 -12.23
N TYR C 24 2.88 -27.32 -11.58
CA TYR C 24 1.51 -27.58 -11.97
C TYR C 24 0.54 -26.64 -11.25
N THR C 25 -0.70 -26.63 -11.70
CA THR C 25 -1.68 -25.73 -11.12
C THR C 25 -2.09 -26.11 -9.71
N HIS C 26 -1.89 -25.18 -8.78
CA HIS C 26 -2.25 -25.37 -7.37
C HIS C 26 -3.41 -24.46 -7.01
N ILE C 27 -4.22 -24.90 -6.06
CA ILE C 27 -5.37 -24.12 -5.61
C ILE C 27 -5.22 -23.70 -4.15
N PHE C 28 -5.65 -22.49 -3.82
CA PHE C 28 -5.60 -21.97 -2.46
C PHE C 28 -6.84 -21.16 -2.10
N ASN C 29 -7.12 -21.10 -0.80
CA ASN C 29 -8.24 -20.33 -0.32
C ASN C 29 -7.95 -18.84 -0.53
N LYS C 30 -8.97 -18.12 -0.99
CA LYS C 30 -8.82 -16.69 -1.21
C LYS C 30 -8.53 -16.04 0.14
N VAL C 31 -7.50 -15.20 0.18
CA VAL C 31 -7.15 -14.50 1.40
C VAL C 31 -8.14 -13.34 1.59
N LYS D 9 -2.09 36.09 41.87
CA LYS D 9 -1.40 37.01 40.93
C LYS D 9 0.04 36.56 40.68
N PHE D 10 0.22 35.64 39.74
CA PHE D 10 1.54 35.14 39.40
C PHE D 10 2.16 35.87 38.22
N GLY D 11 1.32 36.55 37.45
CA GLY D 11 1.80 37.30 36.30
C GLY D 11 1.13 38.65 36.25
N ASP D 12 0.44 39.01 37.33
CA ASP D 12 -0.27 40.28 37.40
C ASP D 12 0.58 41.38 38.05
N TRP D 13 1.85 41.08 38.26
CA TRP D 13 2.77 42.02 38.88
C TRP D 13 3.12 43.19 37.96
N ASP D 14 2.98 43.00 36.65
CA ASP D 14 3.29 44.07 35.71
C ASP D 14 2.01 44.74 35.23
N GLU D 15 1.14 45.06 36.17
CA GLU D 15 -0.13 45.72 35.87
C GLU D 15 0.10 47.07 35.21
N ASN D 16 -0.48 47.25 34.03
CA ASN D 16 -0.35 48.50 33.28
C ASN D 16 1.09 48.98 33.15
N ASN D 17 1.92 48.15 32.52
CA ASN D 17 3.32 48.51 32.33
C ASN D 17 3.52 48.84 30.85
N PRO D 18 3.96 50.07 30.54
CA PRO D 18 4.18 50.49 29.16
C PRO D 18 5.23 49.64 28.44
N SER D 19 6.09 49.00 29.21
CA SER D 19 7.15 48.18 28.65
C SER D 19 6.89 46.66 28.66
N SER D 20 5.66 46.27 28.95
CA SER D 20 5.30 44.84 28.98
C SER D 20 5.89 44.16 27.77
N ALA D 21 6.23 42.88 27.93
CA ALA D 21 6.81 42.12 26.83
C ALA D 21 5.68 41.64 25.92
N ASP D 22 5.95 41.47 24.63
CA ASP D 22 4.92 41.00 23.70
C ASP D 22 4.73 39.49 23.87
N GLY D 23 3.53 39.01 23.59
CA GLY D 23 3.23 37.60 23.76
C GLY D 23 3.56 36.58 22.68
N TYR D 24 4.83 36.38 22.40
CA TYR D 24 5.22 35.39 21.40
C TYR D 24 6.70 35.06 21.48
N THR D 25 7.12 34.08 20.71
CA THR D 25 8.51 33.66 20.70
C THR D 25 9.41 34.70 20.07
N HIS D 26 10.41 35.14 20.82
CA HIS D 26 11.36 36.13 20.32
C HIS D 26 12.72 35.48 20.20
N ILE D 27 13.53 35.96 19.26
CA ILE D 27 14.85 35.42 19.07
C ILE D 27 15.90 36.48 19.43
N PHE D 28 16.99 36.04 20.05
CA PHE D 28 18.08 36.95 20.42
C PHE D 28 19.44 36.28 20.16
N ASN D 29 20.46 37.10 19.94
CA ASN D 29 21.78 36.55 19.74
C ASN D 29 22.29 36.00 21.08
N LYS D 30 22.94 34.84 21.05
CA LYS D 30 23.47 34.25 22.27
C LYS D 30 24.47 35.23 22.87
N VAL D 31 24.32 35.51 24.15
CA VAL D 31 25.21 36.43 24.85
C VAL D 31 26.61 35.84 24.99
#